data_8SVP
#
_entry.id   8SVP
#
_cell.length_a   85.041
_cell.length_b   87.349
_cell.length_c   106.274
_cell.angle_alpha   90.00
_cell.angle_beta   90.00
_cell.angle_gamma   90.00
#
_symmetry.space_group_name_H-M   'P 21 21 21'
#
loop_
_entity.id
_entity.type
_entity.pdbx_description
1 polymer 'Pregnane X receptor ligand binding domain fused to SRC-1 coactivator peptide'
2 non-polymer (1P)-N-(5-tert-butyl-2-{[(3S)-hexan-3-yl]oxy}phenyl)-1-(2,5-dimethoxyphenyl)-5-methyl-1H-1,2,3-triazole-4-carboxamide
3 non-polymer (1P)-N-(5-tert-butyl-2-{[(3R)-hexan-3-yl]oxy}phenyl)-1-(2,5-dimethoxyphenyl)-5-methyl-1H-1,2,3-triazole-4-carboxamide
4 water water
#
_entity_poly.entity_id   1
_entity_poly.type   'polypeptide(L)'
_entity_poly.pdbx_seq_one_letter_code
;HHHHHHGSERTGTQPLGVQGLTEEQRMMIRELMDAQMKTFDTTFSHFKNFRLPGVLSSGCELPESLQAPSREEAAKWSQV
RKDLCSLKVSLQLRGEDGSVWNYKPPADSGGKEIFSLLPHMADMSTYMFKGIISFAKVISYFRDLPIEDQISLLKGAAFE
LCQLRFNTVFNAETGTWECGRLSYCLEDTAGGFQQLLLEPMLKFHYMLKKLQLHEEEYVLMQAISLFSPDRPGVLQHRVV
DQLQEQFAITLKSYIECNRPQPAHRFLFLKIMAMLTELRSINAQHTQRLLRIQDIHPFATPLMQELFGITGSSGGSGGSS
HSSLTERHKILHRLLQEGSPSDITTLSVEPD
;
_entity_poly.pdbx_strand_id   A,B
#
# COMPACT_ATOMS: atom_id res chain seq x y z
N GLY A 20 -36.51 -31.87 14.58
CA GLY A 20 -36.80 -33.21 15.07
C GLY A 20 -35.57 -34.01 15.39
N LEU A 21 -34.59 -33.38 16.02
CA LEU A 21 -33.35 -34.04 16.40
C LEU A 21 -33.44 -34.60 17.81
N THR A 22 -32.59 -35.59 18.08
CA THR A 22 -32.52 -36.14 19.42
C THR A 22 -31.90 -35.11 20.37
N GLU A 23 -32.18 -35.28 21.67
CA GLU A 23 -31.66 -34.35 22.65
C GLU A 23 -30.14 -34.35 22.69
N GLU A 24 -29.52 -35.47 22.31
CA GLU A 24 -28.06 -35.49 22.19
C GLU A 24 -27.59 -34.79 20.92
N GLN A 25 -28.28 -35.05 19.80
CA GLN A 25 -27.97 -34.33 18.56
C GLN A 25 -28.22 -32.83 18.72
N ARG A 26 -29.24 -32.46 19.49
CA ARG A 26 -29.47 -31.05 19.77
C ARG A 26 -28.36 -30.46 20.61
N MET A 27 -27.90 -31.21 21.61
CA MET A 27 -26.78 -30.74 22.44
C MET A 27 -25.45 -30.84 21.69
N MET A 28 -25.35 -31.76 20.73
CA MET A 28 -24.13 -31.87 19.94
C MET A 28 -23.94 -30.65 19.06
N ILE A 29 -25.02 -30.09 18.53
CA ILE A 29 -24.93 -28.87 17.73
C ILE A 29 -24.69 -27.66 18.61
N ARG A 30 -25.37 -27.60 19.76
CA ARG A 30 -25.21 -26.46 20.65
C ARG A 30 -23.77 -26.32 21.14
N GLU A 31 -23.05 -27.43 21.26
CA GLU A 31 -21.66 -27.37 21.70
C GLU A 31 -20.76 -26.86 20.57
N LEU A 32 -21.01 -27.30 19.34
CA LEU A 32 -20.19 -26.86 18.22
C LEU A 32 -20.44 -25.39 17.89
N MET A 33 -21.69 -24.94 18.01
CA MET A 33 -21.98 -23.52 17.78
C MET A 33 -21.31 -22.65 18.84
N ASP A 34 -21.40 -23.05 20.10
CA ASP A 34 -20.65 -22.36 21.15
C ASP A 34 -19.15 -22.46 20.91
N ALA A 35 -18.69 -23.60 20.38
CA ALA A 35 -17.29 -23.74 20.02
C ALA A 35 -16.91 -22.76 18.92
N GLN A 36 -17.80 -22.55 17.95
CA GLN A 36 -17.49 -21.67 16.83
C GLN A 36 -17.47 -20.22 17.26
N MET A 37 -18.48 -19.79 18.01
CA MET A 37 -18.60 -18.38 18.38
C MET A 37 -17.51 -17.92 19.32
N LYS A 38 -16.90 -18.85 20.08
CA LYS A 38 -15.83 -18.48 20.99
C LYS A 38 -14.49 -18.32 20.30
N THR A 39 -14.30 -18.94 19.13
CA THR A 39 -12.99 -19.02 18.51
C THR A 39 -12.92 -18.46 17.11
N PHE A 40 -14.05 -18.11 16.49
CA PHE A 40 -14.08 -17.59 15.13
C PHE A 40 -14.18 -16.07 15.20
N ASP A 41 -13.06 -15.39 14.92
CA ASP A 41 -13.02 -13.94 14.85
C ASP A 41 -13.49 -13.53 13.45
N THR A 42 -14.81 -13.48 13.30
CA THR A 42 -15.40 -13.24 11.99
C THR A 42 -15.05 -11.86 11.43
N THR A 43 -14.72 -10.90 12.28
CA THR A 43 -14.34 -9.57 11.83
C THR A 43 -12.83 -9.38 11.74
N PHE A 44 -12.04 -10.38 12.15
CA PHE A 44 -10.58 -10.30 12.13
C PHE A 44 -10.07 -9.10 12.93
N SER A 45 -10.76 -8.77 14.02
CA SER A 45 -10.39 -7.61 14.81
C SER A 45 -9.08 -7.81 15.55
N HIS A 46 -8.76 -9.04 15.92
CA HIS A 46 -7.55 -9.35 16.67
C HIS A 46 -6.41 -9.84 15.79
N PHE A 47 -6.53 -9.69 14.47
CA PHE A 47 -5.45 -10.07 13.55
C PHE A 47 -4.60 -8.84 13.29
N LYS A 48 -3.54 -8.69 14.07
CA LYS A 48 -2.65 -7.55 13.97
C LYS A 48 -1.21 -8.03 13.90
N ASN A 49 -0.31 -7.08 13.64
CA ASN A 49 1.13 -7.34 13.57
C ASN A 49 1.45 -8.41 12.54
N PHE A 50 0.87 -8.26 11.36
CA PHE A 50 1.07 -9.19 10.26
C PHE A 50 2.00 -8.58 9.21
N ARG A 51 2.64 -9.45 8.44
CA ARG A 51 3.56 -9.01 7.40
C ARG A 51 2.80 -8.56 6.16
N LEU A 52 3.39 -7.60 5.45
CA LEU A 52 2.83 -7.03 4.23
C LEU A 52 3.93 -6.87 3.21
N PRO A 53 3.58 -6.81 1.92
CA PRO A 53 4.59 -6.53 0.89
C PRO A 53 5.25 -5.18 1.12
N GLY A 54 6.55 -5.21 1.40
CA GLY A 54 7.30 -4.00 1.70
C GLY A 54 7.42 -3.04 0.54
N LYS A 76 13.66 -26.80 -9.62
CA LYS A 76 12.42 -26.89 -8.85
C LYS A 76 11.71 -25.55 -8.80
N TRP A 77 12.30 -24.54 -9.44
CA TRP A 77 11.74 -23.20 -9.41
C TRP A 77 10.48 -23.09 -10.28
N SER A 78 10.43 -23.83 -11.39
CA SER A 78 9.30 -23.73 -12.31
C SER A 78 8.04 -24.39 -11.75
N GLN A 79 8.18 -25.36 -10.84
CA GLN A 79 7.03 -26.05 -10.30
C GLN A 79 6.20 -25.19 -9.35
N VAL A 80 6.57 -23.95 -9.12
CA VAL A 80 5.89 -23.10 -8.14
C VAL A 80 4.90 -22.15 -8.80
N ARG A 81 5.24 -21.59 -9.96
CA ARG A 81 4.50 -20.50 -10.56
C ARG A 81 3.11 -20.91 -11.04
N LYS A 82 2.78 -22.19 -10.94
CA LYS A 82 1.50 -22.70 -11.40
C LYS A 82 0.35 -22.17 -10.53
N ASP A 83 0.31 -22.60 -9.27
CA ASP A 83 -0.79 -22.21 -8.40
C ASP A 83 -0.79 -20.73 -8.09
N LEU A 84 0.38 -20.09 -8.11
CA LEU A 84 0.45 -18.65 -7.83
C LEU A 84 -0.33 -17.86 -8.86
N CYS A 85 -0.28 -18.27 -10.13
CA CYS A 85 -1.03 -17.56 -11.16
C CYS A 85 -2.54 -17.76 -11.00
N SER A 86 -2.96 -18.91 -10.50
CA SER A 86 -4.38 -19.17 -10.31
C SER A 86 -4.93 -18.46 -9.08
N LEU A 87 -4.12 -18.28 -8.05
CA LEU A 87 -4.52 -17.64 -6.80
C LEU A 87 -3.87 -16.27 -6.63
N LYS A 88 -3.87 -15.47 -7.69
CA LYS A 88 -3.36 -14.10 -7.61
C LYS A 88 -4.45 -13.20 -7.06
N VAL A 89 -4.18 -12.53 -5.94
CA VAL A 89 -5.16 -11.69 -5.26
C VAL A 89 -4.59 -10.30 -5.05
N SER A 90 -5.48 -9.33 -4.95
CA SER A 90 -5.12 -7.94 -4.67
C SER A 90 -5.57 -7.61 -3.25
N LEU A 91 -4.63 -7.22 -2.41
CA LEU A 91 -4.93 -6.95 -1.01
C LEU A 91 -5.46 -5.53 -0.84
N GLN A 92 -6.51 -5.40 -0.03
CA GLN A 92 -7.08 -4.12 0.32
C GLN A 92 -7.08 -3.97 1.84
N LEU A 93 -6.80 -2.77 2.32
CA LEU A 93 -6.67 -2.51 3.75
C LEU A 93 -7.29 -1.17 4.06
N ARG A 94 -8.45 -1.20 4.73
CA ARG A 94 -9.16 0.01 5.11
C ARG A 94 -8.70 0.49 6.49
N GLY A 95 -8.82 1.79 6.72
CA GLY A 95 -8.41 2.41 7.96
C GLY A 95 -9.60 2.91 8.78
N GLU A 96 -9.28 3.36 10.00
CA GLU A 96 -10.31 3.87 10.89
C GLU A 96 -10.92 5.16 10.34
N ASP A 97 -10.11 5.99 9.71
CA ASP A 97 -10.58 7.26 9.16
C ASP A 97 -11.37 7.10 7.88
N GLY A 98 -11.36 5.91 7.27
CA GLY A 98 -12.00 5.69 5.99
C GLY A 98 -11.05 5.59 4.83
N SER A 99 -9.75 5.77 5.05
CA SER A 99 -8.77 5.63 3.99
C SER A 99 -8.65 4.18 3.56
N VAL A 100 -8.23 3.97 2.31
CA VAL A 100 -8.17 2.65 1.70
C VAL A 100 -6.80 2.48 1.06
N TRP A 101 -5.94 1.69 1.67
CA TRP A 101 -4.71 1.22 1.04
C TRP A 101 -5.01 -0.03 0.22
N ASN A 102 -4.49 -0.06 -1.01
CA ASN A 102 -4.71 -1.18 -1.90
C ASN A 102 -3.39 -1.61 -2.51
N TYR A 103 -3.11 -2.91 -2.47
CA TYR A 103 -1.90 -3.49 -3.04
C TYR A 103 -2.30 -4.33 -4.26
N LYS A 104 -1.93 -3.87 -5.44
CA LYS A 104 -2.14 -4.67 -6.64
C LYS A 104 -0.91 -5.55 -6.88
N PRO A 105 -1.08 -6.84 -7.14
CA PRO A 105 0.07 -7.72 -7.27
C PRO A 105 0.81 -7.44 -8.57
N PRO A 106 2.12 -7.64 -8.61
CA PRO A 106 2.85 -7.46 -9.86
C PRO A 106 2.44 -8.51 -10.89
N ALA A 107 2.33 -8.07 -12.15
CA ALA A 107 1.91 -8.96 -13.21
C ALA A 107 2.95 -10.06 -13.44
N ASP A 108 2.56 -11.05 -14.23
CA ASP A 108 3.40 -12.21 -14.51
C ASP A 108 4.73 -11.81 -15.15
N LYS A 112 9.72 -15.07 -7.13
CA LYS A 112 9.91 -13.78 -6.50
C LYS A 112 8.83 -12.79 -6.92
N GLU A 113 8.10 -13.14 -7.99
CA GLU A 113 7.03 -12.26 -8.48
C GLU A 113 5.78 -12.39 -7.64
N ILE A 114 5.39 -13.61 -7.28
CA ILE A 114 4.20 -13.84 -6.47
C ILE A 114 4.57 -14.21 -5.04
N PHE A 115 5.84 -14.13 -4.67
CA PHE A 115 6.28 -14.40 -3.31
C PHE A 115 6.03 -13.24 -2.37
N SER A 116 5.27 -12.23 -2.80
CA SER A 116 5.01 -11.06 -1.95
C SER A 116 3.90 -11.34 -0.95
N LEU A 117 2.84 -12.03 -1.37
CA LEU A 117 1.74 -12.35 -0.48
C LEU A 117 2.02 -13.55 0.43
N LEU A 118 3.08 -14.31 0.16
CA LEU A 118 3.38 -15.49 0.98
C LEU A 118 3.63 -15.15 2.45
N PRO A 119 4.44 -14.14 2.80
CA PRO A 119 4.57 -13.82 4.24
C PRO A 119 3.27 -13.37 4.87
N HIS A 120 2.42 -12.65 4.11
CA HIS A 120 1.14 -12.22 4.66
C HIS A 120 0.20 -13.41 4.83
N MET A 121 0.05 -14.22 3.79
CA MET A 121 -0.82 -15.39 3.89
C MET A 121 -0.33 -16.40 4.91
N ALA A 122 0.98 -16.41 5.19
CA ALA A 122 1.48 -17.24 6.29
C ALA A 122 0.99 -16.72 7.63
N ASP A 123 1.03 -15.39 7.83
CA ASP A 123 0.48 -14.81 9.04
C ASP A 123 -1.05 -14.93 9.07
N MET A 124 -1.70 -14.85 7.91
CA MET A 124 -3.14 -15.04 7.85
C MET A 124 -3.52 -16.47 8.19
N SER A 125 -2.83 -17.44 7.59
CA SER A 125 -3.10 -18.85 7.87
C SER A 125 -2.80 -19.19 9.33
N THR A 126 -1.70 -18.66 9.86
CA THR A 126 -1.33 -18.96 11.24
C THR A 126 -2.38 -18.42 12.21
N TYR A 127 -2.83 -17.18 12.00
CA TYR A 127 -3.85 -16.60 12.86
C TYR A 127 -5.15 -17.40 12.77
N MET A 128 -5.50 -17.87 11.57
CA MET A 128 -6.69 -18.69 11.41
C MET A 128 -6.56 -20.03 12.14
N PHE A 129 -5.40 -20.68 11.99
CA PHE A 129 -5.23 -22.00 12.59
C PHE A 129 -5.19 -21.95 14.11
N LYS A 130 -4.68 -20.85 14.69
CA LYS A 130 -4.72 -20.71 16.14
C LYS A 130 -6.15 -20.65 16.64
N GLY A 131 -7.05 -20.05 15.86
CA GLY A 131 -8.47 -20.12 16.21
C GLY A 131 -9.06 -21.47 15.90
N ILE A 132 -8.49 -22.21 14.96
CA ILE A 132 -8.91 -23.57 14.70
C ILE A 132 -8.54 -24.47 15.88
N ILE A 133 -7.35 -24.26 16.44
CA ILE A 133 -6.93 -25.03 17.61
C ILE A 133 -7.86 -24.77 18.79
N SER A 134 -8.16 -23.49 19.03
CA SER A 134 -9.07 -23.15 20.12
C SER A 134 -10.46 -23.71 19.88
N PHE A 135 -10.86 -23.85 18.61
CA PHE A 135 -12.16 -24.42 18.31
C PHE A 135 -12.25 -25.88 18.77
N ALA A 136 -11.18 -26.64 18.56
CA ALA A 136 -11.17 -28.04 18.96
C ALA A 136 -10.95 -28.21 20.46
N LYS A 137 -10.22 -27.29 21.10
CA LYS A 137 -9.90 -27.43 22.51
C LYS A 137 -11.12 -27.30 23.41
N VAL A 138 -12.21 -26.73 22.92
CA VAL A 138 -13.42 -26.58 23.73
C VAL A 138 -14.44 -27.67 23.42
N ILE A 139 -14.30 -28.40 22.31
CA ILE A 139 -15.16 -29.54 22.04
C ILE A 139 -14.80 -30.66 23.01
N SER A 140 -15.82 -31.21 23.68
CA SER A 140 -15.58 -32.21 24.71
C SER A 140 -15.03 -33.50 24.11
N TYR A 141 -15.56 -33.91 22.95
CA TYR A 141 -15.08 -35.14 22.33
C TYR A 141 -13.64 -35.03 21.86
N PHE A 142 -13.12 -33.81 21.67
CA PHE A 142 -11.75 -33.66 21.21
C PHE A 142 -10.76 -33.65 22.38
N ARG A 143 -11.17 -33.11 23.53
CA ARG A 143 -10.30 -33.08 24.71
C ARG A 143 -10.03 -34.49 25.24
N ASP A 144 -11.01 -35.39 25.14
CA ASP A 144 -10.86 -36.73 25.69
C ASP A 144 -9.94 -37.61 24.87
N LEU A 145 -9.53 -37.17 23.68
CA LEU A 145 -8.61 -37.94 22.86
C LEU A 145 -7.18 -37.77 23.36
N PRO A 146 -6.29 -38.72 23.03
CA PRO A 146 -4.88 -38.57 23.42
C PRO A 146 -4.26 -37.32 22.80
N ILE A 147 -3.23 -36.81 23.47
CA ILE A 147 -2.61 -35.56 23.02
C ILE A 147 -1.94 -35.75 21.66
N GLU A 148 -1.56 -36.98 21.32
CA GLU A 148 -0.97 -37.23 20.01
C GLU A 148 -2.03 -37.29 18.92
N ASP A 149 -3.17 -37.92 19.22
CA ASP A 149 -4.25 -37.96 18.24
C ASP A 149 -4.86 -36.59 18.03
N GLN A 150 -4.84 -35.73 19.05
CA GLN A 150 -5.29 -34.35 18.87
C GLN A 150 -4.38 -33.61 17.90
N ILE A 151 -3.08 -33.88 17.95
CA ILE A 151 -2.14 -33.24 17.04
C ILE A 151 -2.33 -33.78 15.63
N SER A 152 -2.53 -35.09 15.50
CA SER A 152 -2.69 -35.70 14.18
C SER A 152 -3.95 -35.20 13.49
N LEU A 153 -5.04 -35.05 14.24
CA LEU A 153 -6.28 -34.54 13.66
C LEU A 153 -6.14 -33.09 13.24
N LEU A 154 -5.50 -32.26 14.07
CA LEU A 154 -5.33 -30.86 13.73
C LEU A 154 -4.34 -30.66 12.60
N LYS A 155 -3.36 -31.57 12.45
CA LYS A 155 -2.40 -31.45 11.36
C LYS A 155 -3.07 -31.71 10.01
N GLY A 156 -3.88 -32.77 9.93
CA GLY A 156 -4.54 -33.11 8.68
C GLY A 156 -5.74 -32.25 8.34
N ALA A 157 -6.41 -31.69 9.34
CA ALA A 157 -7.60 -30.88 9.12
C ALA A 157 -7.35 -29.39 9.30
N ALA A 158 -6.08 -28.96 9.35
CA ALA A 158 -5.78 -27.54 9.50
C ALA A 158 -6.24 -26.75 8.27
N PHE A 159 -5.78 -27.16 7.09
CA PHE A 159 -6.18 -26.48 5.87
C PHE A 159 -7.68 -26.57 5.64
N GLU A 160 -8.26 -27.76 5.84
CA GLU A 160 -9.66 -27.96 5.51
C GLU A 160 -10.58 -27.13 6.41
N LEU A 161 -10.31 -27.09 7.71
CA LEU A 161 -11.11 -26.26 8.60
C LEU A 161 -10.88 -24.78 8.34
N CYS A 162 -9.68 -24.41 7.89
CA CYS A 162 -9.39 -23.02 7.57
C CYS A 162 -10.18 -22.57 6.35
N GLN A 163 -10.32 -23.44 5.35
CA GLN A 163 -11.10 -23.11 4.16
C GLN A 163 -12.57 -22.97 4.50
N LEU A 164 -13.09 -23.85 5.37
CA LEU A 164 -14.51 -23.79 5.71
C LEU A 164 -14.87 -22.46 6.38
N ARG A 165 -13.96 -21.93 7.19
CA ARG A 165 -14.18 -20.61 7.80
C ARG A 165 -13.97 -19.49 6.80
N PHE A 166 -13.07 -19.66 5.84
CA PHE A 166 -12.86 -18.64 4.81
C PHE A 166 -14.04 -18.55 3.86
N ASN A 167 -14.76 -19.65 3.65
CA ASN A 167 -15.90 -19.62 2.74
C ASN A 167 -17.05 -18.80 3.32
N THR A 168 -17.15 -18.70 4.65
CA THR A 168 -18.21 -17.93 5.28
C THR A 168 -18.03 -16.44 5.06
N VAL A 169 -16.81 -15.97 4.83
CA VAL A 169 -16.54 -14.56 4.57
C VAL A 169 -16.27 -14.30 3.09
N PHE A 170 -16.51 -15.29 2.23
CA PHE A 170 -16.29 -15.13 0.79
C PHE A 170 -17.54 -14.56 0.14
N ASN A 171 -17.34 -13.62 -0.78
CA ASN A 171 -18.41 -12.99 -1.53
C ASN A 171 -18.36 -13.51 -2.96
N ALA A 172 -19.36 -14.27 -3.37
CA ALA A 172 -19.31 -14.94 -4.67
C ALA A 172 -19.47 -13.95 -5.82
N GLU A 173 -20.39 -12.99 -5.68
CA GLU A 173 -20.65 -12.05 -6.77
C GLU A 173 -19.53 -11.05 -6.98
N THR A 174 -18.72 -10.78 -5.95
CA THR A 174 -17.57 -9.90 -6.09
C THR A 174 -16.25 -10.65 -6.10
N GLY A 175 -16.23 -11.92 -5.70
CA GLY A 175 -15.01 -12.70 -5.68
C GLY A 175 -13.99 -12.22 -4.66
N THR A 176 -14.44 -11.72 -3.51
CA THR A 176 -13.56 -11.13 -2.52
C THR A 176 -13.82 -11.77 -1.16
N TRP A 177 -12.74 -12.14 -0.47
CA TRP A 177 -12.83 -12.60 0.92
C TRP A 177 -12.84 -11.38 1.82
N GLU A 178 -14.02 -11.06 2.36
CA GLU A 178 -14.20 -9.86 3.19
C GLU A 178 -13.82 -10.20 4.62
N CYS A 179 -12.56 -9.96 4.96
CA CYS A 179 -12.04 -10.23 6.29
C CYS A 179 -12.04 -8.98 7.17
N GLY A 180 -13.12 -8.21 7.15
CA GLY A 180 -13.21 -7.00 7.93
C GLY A 180 -12.35 -5.88 7.38
N ARG A 181 -11.28 -5.55 8.10
CA ARG A 181 -10.37 -4.51 7.64
C ARG A 181 -9.65 -4.90 6.36
N LEU A 182 -9.44 -6.20 6.15
CA LEU A 182 -8.71 -6.72 5.01
C LEU A 182 -9.66 -7.34 4.00
N SER A 183 -9.29 -7.26 2.73
CA SER A 183 -10.05 -7.85 1.65
C SER A 183 -9.08 -8.48 0.64
N TYR A 184 -9.51 -9.57 0.04
CA TYR A 184 -8.69 -10.31 -0.93
C TYR A 184 -9.54 -10.63 -2.15
N CYS A 185 -9.35 -9.87 -3.22
CA CYS A 185 -10.07 -10.08 -4.48
C CYS A 185 -9.11 -10.61 -5.53
N LEU A 186 -9.48 -11.73 -6.15
CA LEU A 186 -8.64 -12.34 -7.17
C LEU A 186 -9.05 -11.85 -8.56
N GLU A 187 -8.16 -12.08 -9.52
CA GLU A 187 -8.41 -11.70 -10.90
C GLU A 187 -8.35 -12.91 -11.83
N ASP A 188 -7.15 -13.23 -12.31
CA ASP A 188 -6.97 -14.37 -13.20
C ASP A 188 -5.50 -14.81 -13.22
N LEU A 197 -12.29 -20.19 -11.97
CA LEU A 197 -12.98 -21.38 -11.45
C LEU A 197 -12.24 -22.63 -11.85
N LEU A 198 -11.04 -22.47 -12.39
CA LEU A 198 -10.26 -23.63 -12.79
C LEU A 198 -9.47 -24.21 -11.62
N GLU A 199 -8.88 -23.34 -10.80
CA GLU A 199 -8.19 -23.78 -9.60
C GLU A 199 -9.16 -24.54 -8.70
N PRO A 200 -8.84 -25.77 -8.32
CA PRO A 200 -9.78 -26.55 -7.47
C PRO A 200 -10.16 -25.83 -6.18
N MET A 201 -9.24 -25.06 -5.61
CA MET A 201 -9.56 -24.33 -4.39
C MET A 201 -10.58 -23.22 -4.64
N LEU A 202 -10.56 -22.62 -5.83
CA LEU A 202 -11.57 -21.63 -6.16
C LEU A 202 -12.90 -22.27 -6.54
N LYS A 203 -12.86 -23.38 -7.27
CA LYS A 203 -14.08 -24.10 -7.58
C LYS A 203 -14.76 -24.60 -6.31
N PHE A 204 -13.97 -24.93 -5.28
CA PHE A 204 -14.55 -25.38 -4.02
C PHE A 204 -15.31 -24.25 -3.33
N HIS A 205 -14.73 -23.04 -3.32
CA HIS A 205 -15.38 -21.93 -2.62
C HIS A 205 -16.64 -21.47 -3.35
N TYR A 206 -16.62 -21.48 -4.68
CA TYR A 206 -17.80 -21.07 -5.43
C TYR A 206 -18.92 -22.10 -5.31
N MET A 207 -18.57 -23.39 -5.33
CA MET A 207 -19.59 -24.43 -5.21
C MET A 207 -20.15 -24.49 -3.80
N LEU A 208 -19.29 -24.40 -2.79
CA LEU A 208 -19.77 -24.47 -1.40
C LEU A 208 -20.61 -23.25 -1.05
N LYS A 209 -20.26 -22.08 -1.58
CA LYS A 209 -21.04 -20.88 -1.31
C LYS A 209 -22.41 -20.94 -1.99
N LYS A 210 -22.50 -21.65 -3.12
CA LYS A 210 -23.79 -21.76 -3.82
C LYS A 210 -24.78 -22.61 -3.03
N LEU A 211 -24.30 -23.52 -2.19
CA LEU A 211 -25.20 -24.36 -1.40
C LEU A 211 -25.97 -23.56 -0.36
N GLN A 212 -25.46 -22.40 0.04
CA GLN A 212 -26.12 -21.52 1.01
C GLN A 212 -26.42 -22.26 2.30
N LEU A 213 -25.36 -22.76 2.92
CA LEU A 213 -25.49 -23.56 4.13
C LEU A 213 -25.71 -22.67 5.35
N HIS A 214 -26.26 -23.28 6.40
CA HIS A 214 -26.49 -22.58 7.65
C HIS A 214 -25.21 -22.55 8.48
N GLU A 215 -25.23 -21.74 9.54
CA GLU A 215 -24.10 -21.71 10.46
C GLU A 215 -23.94 -23.05 11.17
N GLU A 216 -25.05 -23.75 11.44
CA GLU A 216 -24.96 -25.07 12.04
C GLU A 216 -24.39 -26.09 11.07
N GLU A 217 -24.72 -25.95 9.78
CA GLU A 217 -24.19 -26.87 8.78
C GLU A 217 -22.72 -26.62 8.51
N TYR A 218 -22.27 -25.37 8.62
CA TYR A 218 -20.84 -25.08 8.45
C TYR A 218 -20.03 -25.66 9.60
N VAL A 219 -20.50 -25.48 10.84
CA VAL A 219 -19.75 -25.96 11.99
C VAL A 219 -19.79 -27.49 12.09
N LEU A 220 -20.81 -28.12 11.49
CA LEU A 220 -20.84 -29.59 11.43
C LEU A 220 -19.83 -30.11 10.42
N MET A 221 -19.63 -29.40 9.31
CA MET A 221 -18.58 -29.79 8.37
C MET A 221 -17.20 -29.70 9.02
N GLN A 222 -17.01 -28.74 9.92
CA GLN A 222 -15.73 -28.66 10.63
C GLN A 222 -15.54 -29.85 11.57
N ALA A 223 -16.63 -30.33 12.16
CA ALA A 223 -16.52 -31.48 13.06
C ALA A 223 -16.23 -32.76 12.28
N ILE A 224 -16.87 -32.93 11.12
CA ILE A 224 -16.61 -34.12 10.30
C ILE A 224 -15.19 -34.09 9.77
N SER A 225 -14.71 -32.92 9.35
CA SER A 225 -13.35 -32.82 8.81
C SER A 225 -12.32 -32.96 9.92
N LEU A 226 -12.62 -32.43 11.11
CA LEU A 226 -11.67 -32.52 12.22
C LEU A 226 -11.53 -33.96 12.70
N PHE A 227 -12.65 -34.66 12.88
CA PHE A 227 -12.63 -36.03 13.38
C PHE A 227 -12.56 -37.03 12.22
N SER A 228 -11.48 -36.92 11.45
CA SER A 228 -11.24 -37.86 10.37
C SER A 228 -10.38 -39.01 10.87
N PRO A 229 -10.87 -40.25 10.86
CA PRO A 229 -10.09 -41.36 11.42
C PRO A 229 -8.88 -41.73 10.58
N ASP A 230 -8.89 -41.44 9.28
CA ASP A 230 -7.79 -41.82 8.39
C ASP A 230 -6.76 -40.72 8.22
N ARG A 231 -6.53 -39.89 9.24
CA ARG A 231 -5.44 -38.93 9.18
C ARG A 231 -4.12 -39.62 9.54
N PRO A 232 -3.01 -39.18 8.95
CA PRO A 232 -1.72 -39.80 9.25
C PRO A 232 -1.33 -39.62 10.71
N GLY A 233 -1.08 -40.75 11.38
CA GLY A 233 -0.66 -40.74 12.76
C GLY A 233 -1.75 -40.94 13.78
N VAL A 234 -2.99 -41.09 13.34
CA VAL A 234 -4.11 -41.27 14.28
C VAL A 234 -4.10 -42.71 14.80
N LEU A 235 -4.18 -42.86 16.11
CA LEU A 235 -4.17 -44.17 16.75
C LEU A 235 -5.59 -44.69 17.01
N GLN A 236 -6.45 -43.84 17.57
CA GLN A 236 -7.82 -44.24 17.91
C GLN A 236 -8.70 -44.21 16.65
N HIS A 237 -8.40 -45.14 15.74
CA HIS A 237 -9.18 -45.21 14.51
C HIS A 237 -10.63 -45.63 14.78
N ARG A 238 -10.85 -46.45 15.81
CA ARG A 238 -12.20 -46.91 16.13
C ARG A 238 -13.03 -45.80 16.78
N VAL A 239 -12.41 -45.01 17.66
CA VAL A 239 -13.16 -43.98 18.37
C VAL A 239 -13.45 -42.80 17.45
N VAL A 240 -12.47 -42.38 16.66
CA VAL A 240 -12.65 -41.21 15.80
C VAL A 240 -13.64 -41.50 14.68
N ASP A 241 -13.58 -42.71 14.12
CA ASP A 241 -14.51 -43.07 13.05
C ASP A 241 -15.94 -43.09 13.57
N GLN A 242 -16.15 -43.56 14.80
CA GLN A 242 -17.48 -43.53 15.39
C GLN A 242 -17.91 -42.10 15.73
N LEU A 243 -16.96 -41.25 16.13
CA LEU A 243 -17.28 -39.84 16.37
C LEU A 243 -17.69 -39.16 15.08
N GLN A 244 -16.95 -39.41 13.99
CA GLN A 244 -17.28 -38.80 12.70
C GLN A 244 -18.67 -39.23 12.23
N GLU A 245 -19.03 -40.49 12.49
CA GLU A 245 -20.35 -40.96 12.10
C GLU A 245 -21.46 -40.25 12.86
N GLN A 246 -21.22 -39.95 14.15
CA GLN A 246 -22.22 -39.25 14.94
C GLN A 246 -22.45 -37.84 14.42
N PHE A 247 -21.38 -37.14 14.02
CA PHE A 247 -21.55 -35.80 13.46
C PHE A 247 -22.19 -35.87 12.08
N ALA A 248 -21.84 -36.89 11.29
CA ALA A 248 -22.43 -37.02 9.96
C ALA A 248 -23.92 -37.34 10.04
N ILE A 249 -24.31 -38.18 11.01
CA ILE A 249 -25.73 -38.48 11.19
C ILE A 249 -26.48 -37.23 11.64
N THR A 250 -25.88 -36.44 12.53
CA THR A 250 -26.51 -35.21 12.98
C THR A 250 -26.69 -34.23 11.83
N LEU A 251 -25.67 -34.11 10.96
CA LEU A 251 -25.78 -33.24 9.81
C LEU A 251 -26.85 -33.74 8.83
N LYS A 252 -26.90 -35.05 8.62
CA LYS A 252 -27.92 -35.61 7.74
C LYS A 252 -29.32 -35.43 8.34
N SER A 253 -29.43 -35.57 9.66
CA SER A 253 -30.72 -35.40 10.30
C SER A 253 -31.11 -33.92 10.39
N TYR A 254 -30.13 -33.02 10.52
CA TYR A 254 -30.43 -31.60 10.58
C TYR A 254 -31.01 -31.11 9.26
N ILE A 255 -30.49 -31.60 8.13
CA ILE A 255 -30.98 -31.17 6.83
C ILE A 255 -32.43 -31.62 6.62
N GLU A 256 -32.77 -32.82 7.11
CA GLU A 256 -34.12 -33.32 6.94
C GLU A 256 -35.13 -32.59 7.82
N CYS A 257 -34.71 -32.18 9.02
CA CYS A 257 -35.62 -31.57 9.98
C CYS A 257 -35.76 -30.07 9.81
N ASN A 258 -34.83 -29.41 9.11
CA ASN A 258 -34.84 -27.95 9.03
C ASN A 258 -34.88 -27.43 7.60
N ARG A 259 -35.09 -28.29 6.62
CA ARG A 259 -35.13 -27.89 5.22
C ARG A 259 -36.23 -28.67 4.52
N PRO A 260 -36.75 -28.14 3.41
CA PRO A 260 -37.72 -28.92 2.61
C PRO A 260 -37.11 -30.24 2.16
N GLN A 261 -37.98 -31.24 1.99
CA GLN A 261 -37.56 -32.61 1.71
C GLN A 261 -37.05 -32.79 0.27
N PRO A 262 -37.86 -32.48 -0.76
CA PRO A 262 -37.41 -32.79 -2.12
C PRO A 262 -36.33 -31.86 -2.62
N ALA A 263 -36.36 -30.58 -2.24
CA ALA A 263 -35.38 -29.64 -2.75
C ALA A 263 -34.00 -29.92 -2.20
N HIS A 264 -33.91 -30.31 -0.94
CA HIS A 264 -32.65 -30.63 -0.28
C HIS A 264 -32.55 -32.14 -0.03
N ARG A 265 -32.96 -32.94 -1.02
CA ARG A 265 -32.97 -34.39 -0.86
C ARG A 265 -31.55 -34.94 -0.80
N PHE A 266 -30.64 -34.43 -1.64
CA PHE A 266 -29.26 -34.90 -1.67
C PHE A 266 -28.29 -33.85 -1.15
N LEU A 267 -28.75 -32.92 -0.31
CA LEU A 267 -27.86 -31.88 0.19
C LEU A 267 -26.77 -32.46 1.09
N PHE A 268 -27.11 -33.49 1.88
CA PHE A 268 -26.12 -34.12 2.74
C PHE A 268 -25.03 -34.78 1.91
N LEU A 269 -25.41 -35.49 0.84
CA LEU A 269 -24.41 -36.13 -0.02
C LEU A 269 -23.56 -35.09 -0.75
N LYS A 270 -24.15 -33.95 -1.12
CA LYS A 270 -23.36 -32.88 -1.72
C LYS A 270 -22.32 -32.34 -0.74
N ILE A 271 -22.71 -32.17 0.53
CA ILE A 271 -21.78 -31.68 1.54
C ILE A 271 -20.65 -32.68 1.75
N MET A 272 -20.97 -33.97 1.79
CA MET A 272 -19.94 -34.98 1.93
C MET A 272 -19.02 -35.00 0.71
N ALA A 273 -19.56 -34.74 -0.47
CA ALA A 273 -18.72 -34.67 -1.66
C ALA A 273 -17.78 -33.46 -1.61
N MET A 274 -18.21 -32.37 -0.96
CA MET A 274 -17.33 -31.22 -0.79
C MET A 274 -16.15 -31.56 0.11
N LEU A 275 -16.42 -32.23 1.24
CA LEU A 275 -15.35 -32.61 2.15
C LEU A 275 -14.36 -33.56 1.48
N THR A 276 -14.85 -34.41 0.57
CA THR A 276 -13.94 -35.31 -0.15
C THR A 276 -13.07 -34.53 -1.13
N GLU A 277 -13.67 -33.59 -1.87
CA GLU A 277 -12.88 -32.75 -2.77
C GLU A 277 -11.93 -31.85 -2.01
N LEU A 278 -12.39 -31.29 -0.88
CA LEU A 278 -11.52 -30.46 -0.06
C LEU A 278 -10.36 -31.26 0.51
N ARG A 279 -10.57 -32.56 0.77
CA ARG A 279 -9.48 -33.40 1.25
C ARG A 279 -8.41 -33.58 0.18
N SER A 280 -8.80 -33.58 -1.10
CA SER A 280 -7.82 -33.66 -2.17
C SER A 280 -7.05 -32.34 -2.33
N ILE A 281 -7.76 -31.22 -2.17
CA ILE A 281 -7.10 -29.91 -2.26
C ILE A 281 -6.10 -29.73 -1.13
N ASN A 282 -6.40 -30.28 0.05
CA ASN A 282 -5.45 -30.21 1.16
C ASN A 282 -4.14 -30.89 0.80
N ALA A 283 -4.20 -32.04 0.11
CA ALA A 283 -2.99 -32.70 -0.34
C ALA A 283 -2.28 -31.87 -1.41
N GLN A 284 -3.04 -31.37 -2.38
CA GLN A 284 -2.44 -30.60 -3.47
C GLN A 284 -1.70 -29.38 -2.94
N HIS A 285 -2.41 -28.52 -2.18
CA HIS A 285 -1.82 -27.26 -1.74
C HIS A 285 -0.63 -27.49 -0.82
N THR A 286 -0.70 -28.53 0.02
CA THR A 286 0.42 -28.82 0.91
C THR A 286 1.68 -29.17 0.12
N GLN A 287 1.53 -29.85 -1.02
CA GLN A 287 2.70 -30.17 -1.84
C GLN A 287 3.26 -28.93 -2.53
N ARG A 288 2.38 -28.06 -3.03
CA ARG A 288 2.83 -26.85 -3.71
C ARG A 288 3.68 -25.98 -2.80
N LEU A 289 3.22 -25.77 -1.56
CA LEU A 289 3.93 -24.89 -0.65
C LEU A 289 5.18 -25.54 -0.06
N LEU A 290 5.26 -26.88 -0.06
CA LEU A 290 6.51 -27.52 0.32
C LEU A 290 7.56 -27.35 -0.77
N ARG A 291 7.14 -27.25 -2.04
CA ARG A 291 8.07 -26.93 -3.11
C ARG A 291 8.55 -25.49 -3.02
N ILE A 292 7.71 -24.59 -2.55
CA ILE A 292 8.05 -23.17 -2.45
C ILE A 292 8.80 -22.87 -1.16
N GLN A 293 8.38 -23.47 -0.05
CA GLN A 293 9.07 -23.22 1.23
C GLN A 293 10.51 -23.71 1.18
N ASP A 294 10.75 -24.83 0.50
CA ASP A 294 12.11 -25.35 0.38
C ASP A 294 13.01 -24.39 -0.42
N ILE A 295 12.44 -23.65 -1.35
CA ILE A 295 13.21 -22.68 -2.14
C ILE A 295 13.27 -21.33 -1.44
N HIS A 296 12.13 -20.85 -0.96
CA HIS A 296 12.02 -19.53 -0.33
C HIS A 296 11.28 -19.66 0.99
N PRO A 297 11.98 -19.56 2.13
CA PRO A 297 11.31 -19.74 3.42
C PRO A 297 10.31 -18.64 3.74
N PHE A 298 9.02 -19.00 3.81
CA PHE A 298 7.98 -18.06 4.17
C PHE A 298 7.07 -18.57 5.29
N ALA A 299 7.25 -19.82 5.73
CA ALA A 299 6.34 -20.42 6.69
C ALA A 299 6.66 -20.00 8.11
N THR A 300 5.62 -19.77 8.90
CA THR A 300 5.76 -19.46 10.31
C THR A 300 6.17 -20.73 11.07
N PRO A 301 6.74 -20.58 12.28
CA PRO A 301 7.10 -21.76 13.06
C PRO A 301 5.94 -22.71 13.30
N LEU A 302 4.73 -22.19 13.50
CA LEU A 302 3.58 -23.07 13.66
C LEU A 302 3.22 -23.75 12.35
N MET A 303 3.44 -23.07 11.22
CA MET A 303 3.18 -23.69 9.92
C MET A 303 4.22 -24.76 9.59
N GLN A 304 5.45 -24.57 10.04
CA GLN A 304 6.49 -25.55 9.78
C GLN A 304 6.16 -26.89 10.43
N GLU A 305 5.52 -26.86 11.60
CA GLU A 305 5.11 -28.11 12.23
C GLU A 305 4.03 -28.80 11.41
N LEU A 306 3.09 -28.03 10.85
CA LEU A 306 2.05 -28.63 10.02
C LEU A 306 2.63 -29.16 8.72
N PHE A 307 3.63 -28.47 8.21
CA PHE A 307 4.21 -28.89 6.92
C PHE A 307 5.15 -30.05 7.18
N GLY A 308 5.62 -30.23 8.42
CA GLY A 308 6.56 -31.27 8.73
C GLY A 308 8.00 -30.86 8.46
N ILE A 309 8.44 -29.79 9.12
CA ILE A 309 9.79 -29.28 8.92
C ILE A 309 10.52 -29.20 10.26
N SER A 323 7.69 -39.08 19.94
CA SER A 323 8.39 -38.18 19.02
C SER A 323 7.42 -37.29 18.27
N LEU A 324 6.13 -37.62 18.36
CA LEU A 324 5.11 -36.82 17.67
C LEU A 324 4.92 -35.47 18.35
N THR A 325 4.82 -35.47 19.68
CA THR A 325 4.68 -34.22 20.42
C THR A 325 5.98 -33.44 20.47
N GLU A 326 7.12 -34.09 20.22
CA GLU A 326 8.40 -33.41 20.20
C GLU A 326 8.71 -32.75 18.86
N ARG A 327 8.07 -33.19 17.78
CA ARG A 327 8.19 -32.53 16.49
C ARG A 327 7.11 -31.48 16.27
N HIS A 328 6.15 -31.36 17.18
CA HIS A 328 5.09 -30.35 17.10
C HIS A 328 4.91 -29.72 18.48
N LYS A 329 6.01 -29.17 19.00
CA LYS A 329 6.01 -28.62 20.35
C LYS A 329 5.17 -27.36 20.46
N ILE A 330 5.10 -26.57 19.38
CA ILE A 330 4.28 -25.36 19.40
C ILE A 330 2.80 -25.72 19.41
N LEU A 331 2.40 -26.62 18.51
CA LEU A 331 1.02 -27.10 18.52
C LEU A 331 0.70 -27.79 19.84
N HIS A 332 1.68 -28.50 20.41
CA HIS A 332 1.48 -29.11 21.72
C HIS A 332 1.30 -28.04 22.80
N ARG A 333 2.10 -26.99 22.76
CA ARG A 333 2.00 -25.93 23.76
C ARG A 333 0.66 -25.22 23.69
N LEU A 334 0.14 -25.02 22.48
CA LEU A 334 -1.16 -24.35 22.34
C LEU A 334 -2.30 -25.22 22.85
N LEU A 335 -2.12 -26.54 22.85
CA LEU A 335 -3.14 -27.45 23.35
C LEU A 335 -3.13 -27.58 24.87
N GLN A 336 -2.07 -27.15 25.54
CA GLN A 336 -1.95 -27.31 26.99
C GLN A 336 -2.54 -26.16 27.77
N GLU A 337 -2.49 -24.94 27.23
CA GLU A 337 -2.99 -23.77 27.93
C GLU A 337 -4.51 -23.67 27.84
N GLY B 20 20.13 33.53 -32.73
CA GLY B 20 21.53 33.53 -32.34
C GLY B 20 21.79 34.27 -31.04
N LEU B 21 22.23 33.53 -30.03
CA LEU B 21 22.54 34.10 -28.73
C LEU B 21 24.02 34.49 -28.67
N THR B 22 24.33 35.37 -27.71
CA THR B 22 25.72 35.72 -27.48
C THR B 22 26.48 34.54 -26.87
N GLU B 23 27.80 34.57 -26.99
CA GLU B 23 28.63 33.49 -26.47
C GLU B 23 28.46 33.32 -24.96
N GLU B 24 28.05 34.37 -24.26
CA GLU B 24 27.77 34.28 -22.83
C GLU B 24 26.35 33.79 -22.56
N GLN B 25 25.38 34.27 -23.33
CA GLN B 25 24.01 33.78 -23.19
C GLN B 25 23.95 32.27 -23.46
N ARG B 26 24.68 31.80 -24.46
CA ARG B 26 24.80 30.36 -24.67
C ARG B 26 25.50 29.69 -23.50
N MET B 27 26.55 30.33 -22.98
CA MET B 27 27.25 29.79 -21.82
C MET B 27 26.40 29.89 -20.56
N MET B 28 25.52 30.89 -20.48
CA MET B 28 24.66 31.04 -19.32
C MET B 28 23.61 29.93 -19.27
N ILE B 29 23.07 29.55 -20.43
CA ILE B 29 22.05 28.51 -20.46
C ILE B 29 22.67 27.15 -20.19
N ARG B 30 23.84 26.88 -20.77
CA ARG B 30 24.49 25.59 -20.56
C ARG B 30 24.84 25.37 -19.10
N GLU B 31 25.14 26.45 -18.36
CA GLU B 31 25.44 26.32 -16.94
C GLU B 31 24.19 25.97 -16.15
N LEU B 32 23.05 26.59 -16.50
CA LEU B 32 21.81 26.30 -15.80
C LEU B 32 21.28 24.92 -16.17
N MET B 33 21.38 24.54 -17.45
CA MET B 33 20.96 23.21 -17.86
C MET B 33 21.80 22.13 -17.20
N ASP B 34 23.13 22.34 -17.15
CA ASP B 34 23.98 21.41 -16.43
C ASP B 34 23.65 21.41 -14.94
N ALA B 35 23.31 22.57 -14.39
CA ALA B 35 22.90 22.63 -12.99
C ALA B 35 21.60 21.88 -12.75
N GLN B 36 20.67 21.95 -13.71
CA GLN B 36 19.40 21.25 -13.57
C GLN B 36 19.60 19.75 -13.64
N MET B 37 20.40 19.28 -14.61
CA MET B 37 20.61 17.84 -14.77
C MET B 37 21.28 17.23 -13.56
N LYS B 38 22.20 17.96 -12.93
CA LYS B 38 22.97 17.42 -11.82
C LYS B 38 22.21 17.41 -10.50
N THR B 39 21.13 18.19 -10.38
CA THR B 39 20.46 18.35 -9.10
C THR B 39 18.98 17.98 -9.10
N PHE B 40 18.38 17.78 -10.27
CA PHE B 40 16.96 17.42 -10.36
C PHE B 40 16.87 15.90 -10.49
N ASP B 41 16.42 15.25 -9.41
CA ASP B 41 16.17 13.80 -9.42
C ASP B 41 14.75 13.59 -9.93
N THR B 42 14.62 13.49 -11.25
CA THR B 42 13.29 13.42 -11.86
C THR B 42 12.56 12.14 -11.49
N THR B 43 13.29 11.05 -11.26
CA THR B 43 12.67 9.76 -10.94
C THR B 43 12.48 9.56 -9.44
N PHE B 44 12.99 10.48 -8.60
CA PHE B 44 12.87 10.38 -7.15
C PHE B 44 13.46 9.08 -6.62
N SER B 45 14.47 8.56 -7.32
CA SER B 45 15.08 7.29 -6.93
C SER B 45 15.80 7.41 -5.59
N HIS B 46 16.37 8.56 -5.29
CA HIS B 46 17.07 8.79 -4.04
C HIS B 46 16.16 9.36 -2.95
N PHE B 47 14.85 9.36 -3.18
CA PHE B 47 13.87 9.84 -2.21
C PHE B 47 13.37 8.64 -1.42
N LYS B 48 13.93 8.46 -0.22
CA LYS B 48 13.59 7.31 0.63
C LYS B 48 13.38 7.78 2.05
N ASN B 49 12.95 6.85 2.91
CA ASN B 49 12.74 7.10 4.33
C ASN B 49 11.74 8.25 4.55
N PHE B 50 10.66 8.22 3.79
CA PHE B 50 9.61 9.24 3.89
C PHE B 50 8.40 8.70 4.65
N ARG B 51 7.64 9.63 5.22
CA ARG B 51 6.44 9.26 5.95
C ARG B 51 5.30 8.94 4.99
N LEU B 52 4.34 8.16 5.47
CA LEU B 52 3.17 7.74 4.70
C LEU B 52 1.99 7.64 5.65
N PRO B 53 0.77 7.76 5.14
CA PRO B 53 -0.41 7.53 5.99
C PRO B 53 -0.41 6.10 6.51
N GLY B 54 -0.46 5.97 7.83
CA GLY B 54 -0.38 4.65 8.44
C GLY B 54 -1.57 3.77 8.08
N VAL B 55 -1.33 2.46 8.16
CA VAL B 55 -2.34 1.46 7.85
C VAL B 55 -3.44 1.48 8.89
N LEU B 84 -7.38 22.95 0.24
CA LEU B 84 -7.14 21.58 0.68
C LEU B 84 -8.09 20.61 -0.01
N CYS B 85 -9.40 20.87 0.13
CA CYS B 85 -10.39 20.02 -0.53
C CYS B 85 -10.25 20.06 -2.05
N SER B 86 -9.69 21.14 -2.58
CA SER B 86 -9.41 21.21 -4.01
C SER B 86 -8.11 20.51 -4.36
N LEU B 87 -7.11 20.59 -3.49
CA LEU B 87 -5.84 19.93 -3.70
C LEU B 87 -5.82 18.48 -3.22
N LYS B 88 -6.99 17.85 -3.11
CA LYS B 88 -7.06 16.46 -2.67
C LYS B 88 -6.38 15.56 -3.71
N VAL B 89 -5.43 14.76 -3.25
CA VAL B 89 -4.65 13.88 -4.13
C VAL B 89 -4.68 12.46 -3.59
N SER B 90 -4.55 11.50 -4.49
CA SER B 90 -4.47 10.08 -4.15
C SER B 90 -3.06 9.60 -4.42
N LEU B 91 -2.38 9.12 -3.37
CA LEU B 91 -0.99 8.72 -3.48
C LEU B 91 -0.89 7.32 -4.08
N GLN B 92 0.02 7.17 -5.04
CA GLN B 92 0.35 5.89 -5.63
C GLN B 92 1.83 5.63 -5.50
N LEU B 93 2.20 4.39 -5.18
CA LEU B 93 3.58 4.02 -4.92
C LEU B 93 3.88 2.71 -5.62
N ARG B 94 4.66 2.77 -6.69
CA ARG B 94 5.04 1.58 -7.43
C ARG B 94 6.35 1.01 -6.89
N GLY B 95 6.54 -0.29 -7.08
CA GLY B 95 7.72 -0.98 -6.61
C GLY B 95 8.63 -1.40 -7.74
N GLU B 96 9.84 -1.83 -7.36
CA GLU B 96 10.82 -2.28 -8.34
C GLU B 96 10.37 -3.54 -9.05
N ASP B 97 9.64 -4.42 -8.36
CA ASP B 97 9.16 -5.66 -8.94
C ASP B 97 7.93 -5.49 -9.82
N GLY B 98 7.36 -4.29 -9.89
CA GLY B 98 6.15 -4.05 -10.63
C GLY B 98 4.89 -3.94 -9.80
N SER B 99 4.98 -4.17 -8.50
CA SER B 99 3.83 -4.03 -7.62
C SER B 99 3.40 -2.56 -7.53
N VAL B 100 2.13 -2.36 -7.21
CA VAL B 100 1.53 -1.02 -7.16
C VAL B 100 0.74 -0.89 -5.87
N TRP B 101 1.25 -0.08 -4.94
CA TRP B 101 0.48 0.35 -3.79
C TRP B 101 -0.27 1.63 -4.12
N ASN B 102 -1.52 1.72 -3.68
CA ASN B 102 -2.35 2.89 -3.95
C ASN B 102 -3.08 3.29 -2.67
N TYR B 103 -3.00 4.57 -2.34
CA TYR B 103 -3.64 5.12 -1.15
C TYR B 103 -4.74 6.09 -1.58
N LYS B 104 -5.97 5.79 -1.21
CA LYS B 104 -7.08 6.69 -1.45
C LYS B 104 -7.45 7.38 -0.15
N PRO B 105 -7.37 8.70 -0.07
CA PRO B 105 -7.66 9.40 1.20
C PRO B 105 -9.15 9.36 1.51
N PRO B 106 -9.52 9.52 2.78
CA PRO B 106 -10.94 9.50 3.14
C PRO B 106 -11.64 10.79 2.74
N ALA B 107 -12.97 10.76 2.80
CA ALA B 107 -13.77 11.89 2.34
C ALA B 107 -14.08 12.82 3.51
N ASP B 108 -15.14 13.63 3.40
CA ASP B 108 -15.43 14.66 4.39
C ASP B 108 -15.45 14.11 5.80
N SER B 109 -14.62 14.69 6.68
CA SER B 109 -14.52 14.22 8.07
C SER B 109 -14.51 15.39 9.04
N ILE B 114 -7.91 15.17 7.23
CA ILE B 114 -7.37 15.67 5.97
C ILE B 114 -5.89 16.01 6.11
N PHE B 115 -5.40 15.93 7.34
CA PHE B 115 -3.99 16.19 7.64
C PHE B 115 -3.13 14.94 7.57
N SER B 116 -3.59 13.92 6.84
CA SER B 116 -2.86 12.65 6.79
C SER B 116 -1.74 12.67 5.75
N LEU B 117 -1.99 13.27 4.59
CA LEU B 117 -0.98 13.31 3.54
C LEU B 117 0.06 14.41 3.76
N LEU B 118 -0.22 15.38 4.62
CA LEU B 118 0.75 16.46 4.84
C LEU B 118 2.11 15.99 5.35
N PRO B 119 2.20 15.05 6.31
CA PRO B 119 3.54 14.55 6.68
C PRO B 119 4.34 14.00 5.51
N HIS B 120 3.68 13.31 4.57
CA HIS B 120 4.37 12.82 3.39
C HIS B 120 4.73 13.97 2.45
N MET B 121 3.76 14.87 2.20
CA MET B 121 4.02 15.99 1.30
C MET B 121 5.08 16.93 1.87
N ALA B 122 5.22 16.97 3.20
CA ALA B 122 6.30 17.75 3.79
C ALA B 122 7.65 17.08 3.56
N ASP B 123 7.72 15.76 3.73
CA ASP B 123 8.97 15.04 3.49
C ASP B 123 9.34 15.07 2.01
N MET B 124 8.35 14.96 1.13
CA MET B 124 8.64 14.96 -0.30
C MET B 124 9.07 16.35 -0.77
N SER B 125 8.38 17.40 -0.30
CA SER B 125 8.78 18.76 -0.67
C SER B 125 10.15 19.12 -0.11
N THR B 126 10.49 18.60 1.08
CA THR B 126 11.82 18.84 1.64
C THR B 126 12.90 18.23 0.76
N TYR B 127 12.67 17.03 0.26
CA TYR B 127 13.62 16.41 -0.66
C TYR B 127 13.76 17.23 -1.94
N MET B 128 12.67 17.82 -2.41
CA MET B 128 12.73 18.67 -3.59
C MET B 128 13.55 19.92 -3.33
N PHE B 129 13.36 20.54 -2.16
CA PHE B 129 14.11 21.75 -1.83
C PHE B 129 15.59 21.47 -1.63
N LYS B 130 15.93 20.28 -1.13
CA LYS B 130 17.35 19.91 -1.03
C LYS B 130 18.00 19.90 -2.41
N GLY B 131 17.27 19.41 -3.42
CA GLY B 131 17.76 19.51 -4.78
C GLY B 131 17.76 20.92 -5.31
N ILE B 132 16.85 21.76 -4.79
CA ILE B 132 16.85 23.17 -5.15
C ILE B 132 18.09 23.87 -4.60
N ILE B 133 18.48 23.55 -3.36
CA ILE B 133 19.69 24.11 -2.79
C ILE B 133 20.91 23.74 -3.64
N SER B 134 21.02 22.46 -3.98
CA SER B 134 22.15 22.00 -4.79
C SER B 134 22.13 22.63 -6.18
N PHE B 135 20.94 22.95 -6.68
CA PHE B 135 20.84 23.62 -7.98
C PHE B 135 21.45 25.02 -7.92
N ALA B 136 21.21 25.74 -6.83
CA ALA B 136 21.75 27.09 -6.70
C ALA B 136 23.24 27.08 -6.36
N LYS B 137 23.70 26.06 -5.64
CA LYS B 137 25.11 26.01 -5.24
C LYS B 137 26.04 25.87 -6.43
N VAL B 138 25.61 25.18 -7.49
CA VAL B 138 26.46 24.98 -8.66
C VAL B 138 26.37 26.11 -9.66
N ILE B 139 25.42 27.02 -9.51
CA ILE B 139 25.39 28.22 -10.35
C ILE B 139 26.48 29.17 -9.88
N SER B 140 27.34 29.59 -10.81
CA SER B 140 28.47 30.44 -10.44
C SER B 140 28.00 31.79 -9.89
N TYR B 141 26.95 32.35 -10.50
CA TYR B 141 26.46 33.66 -10.08
C TYR B 141 25.85 33.64 -8.68
N PHE B 142 25.40 32.48 -8.22
CA PHE B 142 24.77 32.34 -6.90
C PHE B 142 25.79 32.12 -5.79
N ARG B 143 26.82 31.31 -6.03
CA ARG B 143 27.78 31.02 -4.97
C ARG B 143 28.61 32.25 -4.61
N ASP B 144 28.75 33.20 -5.54
CA ASP B 144 29.57 34.38 -5.25
C ASP B 144 28.86 35.36 -4.34
N LEU B 145 27.55 35.22 -4.16
CA LEU B 145 26.80 36.10 -3.28
C LEU B 145 27.15 35.80 -1.82
N PRO B 146 26.92 36.75 -0.92
CA PRO B 146 27.17 36.50 0.50
C PRO B 146 26.30 35.37 1.02
N ILE B 147 26.75 34.78 2.13
CA ILE B 147 26.04 33.65 2.71
C ILE B 147 24.67 34.04 3.25
N GLU B 148 24.46 35.32 3.57
CA GLU B 148 23.15 35.75 4.05
C GLU B 148 22.16 35.92 2.90
N ASP B 149 22.63 36.43 1.75
CA ASP B 149 21.74 36.57 0.60
C ASP B 149 21.40 35.22 -0.01
N GLN B 150 22.30 34.25 0.08
CA GLN B 150 21.99 32.91 -0.41
C GLN B 150 20.87 32.28 0.41
N ILE B 151 20.81 32.58 1.71
CA ILE B 151 19.74 32.06 2.55
C ILE B 151 18.45 32.81 2.27
N SER B 152 18.53 34.14 2.12
CA SER B 152 17.33 34.93 1.89
C SER B 152 16.69 34.61 0.54
N LEU B 153 17.52 34.41 -0.50
CA LEU B 153 16.97 34.08 -1.82
C LEU B 153 16.33 32.70 -1.81
N LEU B 154 16.97 31.73 -1.16
CA LEU B 154 16.41 30.39 -1.07
C LEU B 154 15.17 30.34 -0.18
N LYS B 155 15.04 31.28 0.77
CA LYS B 155 13.84 31.34 1.59
C LYS B 155 12.63 31.78 0.78
N GLY B 156 12.82 32.74 -0.13
CA GLY B 156 11.72 33.28 -0.90
C GLY B 156 11.42 32.50 -2.17
N ALA B 157 12.38 31.72 -2.64
CA ALA B 157 12.24 30.97 -3.88
C ALA B 157 12.17 29.46 -3.66
N ALA B 158 11.98 29.02 -2.41
CA ALA B 158 11.90 27.59 -2.15
C ALA B 158 10.63 26.99 -2.76
N PHE B 159 9.48 27.57 -2.42
CA PHE B 159 8.21 27.09 -2.98
C PHE B 159 8.17 27.24 -4.49
N GLU B 160 8.59 28.40 -4.99
CA GLU B 160 8.45 28.70 -6.41
C GLU B 160 9.29 27.77 -7.27
N LEU B 161 10.55 27.53 -6.86
CA LEU B 161 11.40 26.63 -7.64
C LEU B 161 10.93 25.18 -7.54
N CYS B 162 10.28 24.81 -6.44
CA CYS B 162 9.69 23.48 -6.36
C CYS B 162 8.57 23.33 -7.37
N GLN B 163 7.68 24.34 -7.45
CA GLN B 163 6.56 24.27 -8.39
C GLN B 163 7.06 24.18 -9.82
N LEU B 164 8.06 24.97 -10.19
CA LEU B 164 8.58 24.95 -11.55
C LEU B 164 9.10 23.57 -11.93
N ARG B 165 9.69 22.85 -10.98
CA ARG B 165 10.15 21.49 -11.27
C ARG B 165 9.01 20.49 -11.29
N PHE B 166 7.98 20.70 -10.46
CA PHE B 166 6.84 19.78 -10.47
C PHE B 166 6.04 19.88 -11.76
N ASN B 167 5.97 21.06 -12.36
CA ASN B 167 5.21 21.22 -13.60
C ASN B 167 5.83 20.43 -14.73
N THR B 168 7.14 20.16 -14.67
CA THR B 168 7.79 19.37 -15.71
C THR B 168 7.40 17.90 -15.64
N VAL B 169 7.01 17.41 -14.47
CA VAL B 169 6.56 16.03 -14.30
C VAL B 169 5.05 15.95 -14.13
N PHE B 170 4.35 17.06 -14.29
CA PHE B 170 2.90 17.07 -14.18
C PHE B 170 2.26 16.61 -15.48
N ASN B 171 1.23 15.78 -15.38
CA ASN B 171 0.50 15.27 -16.53
C ASN B 171 -0.86 15.94 -16.55
N ALA B 172 -1.10 16.80 -17.54
CA ALA B 172 -2.35 17.53 -17.62
C ALA B 172 -3.51 16.63 -18.02
N GLU B 173 -3.25 15.60 -18.83
CA GLU B 173 -4.32 14.74 -19.30
C GLU B 173 -4.82 13.83 -18.19
N THR B 174 -3.91 13.35 -17.33
CA THR B 174 -4.27 12.44 -16.26
C THR B 174 -4.38 13.12 -14.90
N GLY B 175 -4.03 14.39 -14.80
CA GLY B 175 -4.06 15.09 -13.53
C GLY B 175 -3.13 14.52 -12.48
N THR B 176 -2.06 13.86 -12.90
CA THR B 176 -1.15 13.17 -12.00
C THR B 176 0.24 13.79 -12.07
N TRP B 177 0.90 13.87 -10.91
CA TRP B 177 2.28 14.31 -10.86
C TRP B 177 3.15 13.06 -10.83
N GLU B 178 3.60 12.64 -12.01
CA GLU B 178 4.37 11.41 -12.18
C GLU B 178 5.78 11.64 -11.67
N CYS B 179 5.97 11.40 -10.37
CA CYS B 179 7.26 11.55 -9.71
C CYS B 179 8.07 10.26 -9.72
N GLY B 180 8.00 9.50 -10.81
CA GLY B 180 8.72 8.24 -10.93
C GLY B 180 8.18 7.16 -10.01
N ARG B 181 8.86 6.94 -8.89
CA ARG B 181 8.44 5.87 -7.96
C ARG B 181 7.04 6.20 -7.44
N LEU B 182 6.80 7.48 -7.11
CA LEU B 182 5.52 7.87 -6.54
C LEU B 182 4.69 8.64 -7.55
N SER B 183 3.38 8.62 -7.36
CA SER B 183 2.44 9.38 -8.18
C SER B 183 1.39 10.02 -7.29
N TYR B 184 0.87 11.17 -7.73
CA TYR B 184 -0.10 11.94 -6.97
C TYR B 184 -1.22 12.35 -7.91
N CYS B 185 -2.33 11.60 -7.88
CA CYS B 185 -3.46 11.83 -8.75
C CYS B 185 -4.58 12.55 -7.99
N LEU B 186 -5.24 13.49 -8.67
CA LEU B 186 -6.27 14.29 -8.05
C LEU B 186 -7.56 13.48 -7.86
N GLU B 187 -8.43 14.01 -6.99
CA GLU B 187 -9.71 13.37 -6.73
C GLU B 187 -10.86 14.19 -7.31
N GLN B 195 -14.46 23.39 -13.20
CA GLN B 195 -14.96 24.00 -11.97
C GLN B 195 -14.07 23.65 -10.79
N LEU B 196 -12.89 23.09 -11.09
CA LEU B 196 -11.89 22.81 -10.07
C LEU B 196 -10.59 23.57 -10.28
N LEU B 197 -10.39 24.19 -11.44
CA LEU B 197 -9.19 24.98 -11.69
C LEU B 197 -9.36 26.38 -11.10
N LEU B 198 -9.91 26.45 -9.89
CA LEU B 198 -10.02 27.69 -9.15
C LEU B 198 -8.97 27.82 -8.07
N GLU B 199 -8.56 26.69 -7.48
CA GLU B 199 -7.41 26.66 -6.58
C GLU B 199 -6.20 27.16 -7.36
N PRO B 200 -5.62 28.30 -6.97
CA PRO B 200 -4.54 28.88 -7.78
C PRO B 200 -3.35 27.95 -7.99
N MET B 201 -3.16 26.97 -7.11
CA MET B 201 -2.05 26.03 -7.29
C MET B 201 -2.22 25.22 -8.56
N LEU B 202 -3.43 24.70 -8.79
CA LEU B 202 -3.69 23.85 -9.94
C LEU B 202 -3.88 24.66 -11.22
N LYS B 203 -4.53 25.82 -11.13
CA LYS B 203 -4.67 26.67 -12.31
C LYS B 203 -3.32 27.12 -12.83
N PHE B 204 -2.35 27.32 -11.92
CA PHE B 204 -1.01 27.70 -12.34
C PHE B 204 -0.32 26.57 -13.09
N HIS B 205 -0.48 25.34 -12.60
CA HIS B 205 0.18 24.20 -13.24
C HIS B 205 -0.44 23.88 -14.59
N TYR B 206 -1.77 23.92 -14.68
CA TYR B 206 -2.42 23.62 -15.96
C TYR B 206 -2.10 24.69 -17.01
N MET B 207 -2.03 25.96 -16.60
CA MET B 207 -1.69 27.01 -17.55
C MET B 207 -0.23 26.93 -17.96
N LEU B 208 0.67 26.68 -17.01
CA LEU B 208 2.09 26.57 -17.35
C LEU B 208 2.36 25.36 -18.23
N LYS B 209 1.67 24.25 -17.97
CA LYS B 209 1.84 23.07 -18.82
C LYS B 209 1.27 23.30 -20.22
N LYS B 210 0.26 24.17 -20.33
CA LYS B 210 -0.32 24.47 -21.64
C LYS B 210 0.70 25.18 -22.54
N LEU B 211 1.63 25.92 -21.96
CA LEU B 211 2.62 26.65 -22.76
C LEU B 211 3.61 25.71 -23.44
N GLN B 212 3.79 24.50 -22.91
CA GLN B 212 4.71 23.50 -23.48
C GLN B 212 6.12 24.07 -23.61
N LEU B 213 6.68 24.49 -22.47
CA LEU B 213 7.99 25.13 -22.47
C LEU B 213 9.09 24.11 -22.65
N HIS B 214 10.27 24.60 -23.04
CA HIS B 214 11.45 23.77 -23.19
C HIS B 214 12.16 23.64 -21.84
N GLU B 215 13.15 22.74 -21.81
CA GLU B 215 13.98 22.62 -20.61
C GLU B 215 14.75 23.90 -20.35
N GLU B 216 15.19 24.58 -21.41
CA GLU B 216 15.93 25.83 -21.24
C GLU B 216 15.05 26.92 -20.66
N GLU B 217 13.77 26.94 -21.03
CA GLU B 217 12.85 27.94 -20.52
C GLU B 217 12.44 27.67 -19.09
N TYR B 218 12.30 26.40 -18.72
CA TYR B 218 11.98 26.08 -17.32
C TYR B 218 13.12 26.46 -16.39
N VAL B 219 14.36 26.11 -16.77
CA VAL B 219 15.50 26.40 -15.91
C VAL B 219 15.79 27.89 -15.86
N LEU B 220 15.38 28.66 -16.87
CA LEU B 220 15.55 30.10 -16.83
C LEU B 220 14.52 30.76 -15.93
N MET B 221 13.30 30.20 -15.86
CA MET B 221 12.32 30.69 -14.90
C MET B 221 12.79 30.46 -13.47
N GLN B 222 13.50 29.35 -13.23
CA GLN B 222 14.05 29.09 -11.90
C GLN B 222 15.10 30.12 -11.54
N ALA B 223 15.89 30.56 -12.52
CA ALA B 223 16.93 31.56 -12.26
C ALA B 223 16.30 32.93 -11.98
N ILE B 224 15.27 33.30 -12.74
CA ILE B 224 14.60 34.58 -12.49
C ILE B 224 13.91 34.57 -11.14
N SER B 225 13.30 33.44 -10.77
CA SER B 225 12.64 33.36 -9.47
C SER B 225 13.64 33.30 -8.33
N LEU B 226 14.79 32.66 -8.55
CA LEU B 226 15.79 32.56 -7.49
C LEU B 226 16.44 33.90 -7.22
N PHE B 227 16.84 34.61 -8.27
CA PHE B 227 17.51 35.91 -8.13
C PHE B 227 16.48 37.04 -8.12
N SER B 228 15.62 37.02 -7.11
CA SER B 228 14.66 38.10 -6.90
C SER B 228 15.25 39.12 -5.95
N PRO B 229 15.48 40.36 -6.37
CA PRO B 229 16.15 41.32 -5.47
C PRO B 229 15.28 41.77 -4.31
N ASP B 230 13.95 41.76 -4.46
CA ASP B 230 13.05 42.24 -3.42
C ASP B 230 12.61 41.15 -2.45
N ARG B 231 13.45 40.15 -2.21
CA ARG B 231 13.13 39.18 -1.18
C ARG B 231 13.43 39.76 0.20
N PRO B 232 12.69 39.33 1.22
CA PRO B 232 12.95 39.85 2.58
C PRO B 232 14.32 39.43 3.08
N GLY B 233 15.11 40.43 3.50
CA GLY B 233 16.41 40.19 4.07
C GLY B 233 17.57 40.26 3.09
N VAL B 234 17.32 40.50 1.81
CA VAL B 234 18.38 40.56 0.82
C VAL B 234 19.12 41.89 0.96
N LEU B 235 20.44 41.82 1.05
CA LEU B 235 21.27 43.01 1.20
C LEU B 235 21.76 43.55 -0.14
N GLN B 236 22.28 42.67 -0.99
CA GLN B 236 22.76 43.05 -2.32
C GLN B 236 21.60 43.11 -3.31
N HIS B 237 20.68 44.04 -3.05
CA HIS B 237 19.49 44.16 -3.88
C HIS B 237 19.83 44.62 -5.30
N ARG B 238 20.90 45.40 -5.46
CA ARG B 238 21.27 45.88 -6.78
C ARG B 238 22.07 44.83 -7.56
N VAL B 239 22.89 44.04 -6.87
CA VAL B 239 23.63 42.98 -7.54
C VAL B 239 22.68 41.89 -8.02
N VAL B 240 21.69 41.54 -7.20
CA VAL B 240 20.72 40.52 -7.60
C VAL B 240 19.84 41.03 -8.74
N ASP B 241 19.47 42.30 -8.70
CA ASP B 241 18.65 42.87 -9.78
C ASP B 241 19.42 42.91 -11.09
N GLN B 242 20.74 43.11 -11.03
CA GLN B 242 21.55 43.07 -12.26
C GLN B 242 21.62 41.66 -12.81
N LEU B 243 21.66 40.66 -11.92
CA LEU B 243 21.67 39.26 -12.37
C LEU B 243 20.32 38.86 -12.94
N GLN B 244 19.23 39.26 -12.28
CA GLN B 244 17.90 38.88 -12.73
C GLN B 244 17.60 39.44 -14.11
N GLU B 245 18.06 40.66 -14.39
CA GLU B 245 17.80 41.26 -15.69
C GLU B 245 18.45 40.48 -16.82
N GLN B 246 19.63 39.90 -16.57
CA GLN B 246 20.32 39.16 -17.62
C GLN B 246 19.63 37.83 -17.91
N PHE B 247 19.09 37.18 -16.87
CA PHE B 247 18.35 35.94 -17.11
C PHE B 247 17.07 36.20 -17.89
N ALA B 248 16.41 37.34 -17.63
CA ALA B 248 15.21 37.69 -18.38
C ALA B 248 15.54 38.04 -19.82
N ILE B 249 16.68 38.69 -20.04
CA ILE B 249 17.11 39.02 -21.40
C ILE B 249 17.47 37.75 -22.17
N THR B 250 18.18 36.83 -21.50
CA THR B 250 18.53 35.57 -22.16
C THR B 250 17.28 34.75 -22.47
N LEU B 251 16.31 34.73 -21.55
CA LEU B 251 15.07 34.02 -21.81
C LEU B 251 14.31 34.65 -22.96
N LYS B 252 14.26 35.99 -23.01
CA LYS B 252 13.56 36.66 -24.10
C LYS B 252 14.24 36.40 -25.43
N SER B 253 15.58 36.36 -25.43
CA SER B 253 16.31 36.12 -26.67
C SER B 253 16.18 34.67 -27.13
N TYR B 254 16.10 33.73 -26.17
CA TYR B 254 15.97 32.32 -26.53
C TYR B 254 14.63 32.05 -27.20
N ILE B 255 13.56 32.68 -26.73
CA ILE B 255 12.25 32.47 -27.32
C ILE B 255 12.21 32.99 -28.75
N GLU B 256 12.93 34.08 -29.04
CA GLU B 256 12.88 34.66 -30.37
C GLU B 256 13.66 33.83 -31.38
N CYS B 257 14.67 33.08 -30.93
CA CYS B 257 15.53 32.32 -31.83
C CYS B 257 15.04 30.91 -32.10
N ASN B 258 14.10 30.39 -31.32
CA ASN B 258 13.69 29.01 -31.43
C ASN B 258 12.19 28.78 -31.53
N ARG B 259 11.36 29.80 -31.37
CA ARG B 259 9.90 29.65 -31.40
C ARG B 259 9.29 30.72 -32.30
N PRO B 260 9.34 30.52 -33.62
CA PRO B 260 8.72 31.49 -34.53
C PRO B 260 7.23 31.26 -34.75
N GLN B 261 6.63 30.26 -34.11
CA GLN B 261 5.24 29.92 -34.37
C GLN B 261 4.30 30.96 -33.74
N PRO B 262 3.11 31.14 -34.31
CA PRO B 262 2.16 32.09 -33.72
C PRO B 262 1.53 31.61 -32.43
N ALA B 263 1.58 30.31 -32.15
CA ALA B 263 1.05 29.82 -30.88
C ALA B 263 1.89 30.30 -29.70
N HIS B 264 3.15 30.62 -29.93
CA HIS B 264 4.06 31.09 -28.89
C HIS B 264 4.25 32.60 -28.91
N ARG B 265 3.27 33.33 -29.46
CA ARG B 265 3.34 34.79 -29.46
C ARG B 265 3.17 35.32 -28.03
N PHE B 266 3.96 36.34 -27.69
CA PHE B 266 3.95 36.94 -26.37
C PHE B 266 4.28 35.93 -25.28
N LEU B 267 5.04 34.88 -25.62
CA LEU B 267 5.34 33.84 -24.65
C LEU B 267 6.21 34.37 -23.52
N PHE B 268 7.17 35.25 -23.83
CA PHE B 268 8.01 35.80 -22.78
C PHE B 268 7.20 36.60 -21.77
N LEU B 269 6.27 37.43 -22.27
CA LEU B 269 5.40 38.17 -21.36
C LEU B 269 4.44 37.26 -20.61
N LYS B 270 4.01 36.17 -21.26
CA LYS B 270 3.21 35.17 -20.54
C LYS B 270 4.02 34.51 -19.44
N ILE B 271 5.27 34.16 -19.74
CA ILE B 271 6.13 33.52 -18.74
C ILE B 271 6.39 34.45 -17.57
N MET B 272 6.68 35.72 -17.86
CA MET B 272 6.92 36.68 -16.78
C MET B 272 5.66 36.91 -15.97
N ALA B 273 4.49 36.88 -16.61
CA ALA B 273 3.23 36.99 -15.88
C ALA B 273 2.99 35.78 -15.00
N MET B 274 3.44 34.60 -15.43
CA MET B 274 3.33 33.41 -14.59
C MET B 274 4.22 33.52 -13.35
N LEU B 275 5.44 34.03 -13.51
CA LEU B 275 6.33 34.18 -12.37
C LEU B 275 5.76 35.16 -11.35
N THR B 276 5.07 36.20 -11.82
CA THR B 276 4.42 37.13 -10.90
C THR B 276 3.26 36.46 -10.18
N GLU B 277 2.46 35.66 -10.91
CA GLU B 277 1.36 34.94 -10.28
C GLU B 277 1.88 33.89 -9.31
N LEU B 278 2.94 33.17 -9.68
CA LEU B 278 3.53 32.19 -8.78
C LEU B 278 4.06 32.84 -7.51
N ARG B 279 4.55 34.09 -7.61
CA ARG B 279 4.99 34.81 -6.43
C ARG B 279 3.83 35.08 -5.48
N SER B 280 2.65 35.37 -6.03
CA SER B 280 1.47 35.57 -5.20
C SER B 280 0.99 34.26 -4.58
N ILE B 281 1.00 33.18 -5.36
CA ILE B 281 0.60 31.88 -4.84
C ILE B 281 1.57 31.42 -3.75
N ASN B 282 2.84 31.82 -3.85
CA ASN B 282 3.81 31.49 -2.80
C ASN B 282 3.38 32.08 -1.46
N ALA B 283 2.89 33.32 -1.46
CA ALA B 283 2.45 33.94 -0.22
C ALA B 283 1.17 33.28 0.29
N GLN B 284 0.25 32.93 -0.61
CA GLN B 284 -1.00 32.31 -0.18
C GLN B 284 -0.73 30.96 0.48
N HIS B 285 0.05 30.10 -0.17
CA HIS B 285 0.27 28.75 0.34
C HIS B 285 1.10 28.78 1.62
N THR B 286 2.06 29.70 1.72
CA THR B 286 2.85 29.82 2.94
C THR B 286 1.98 30.17 4.13
N GLN B 287 0.97 31.02 3.92
CA GLN B 287 0.05 31.34 5.00
C GLN B 287 -0.89 30.18 5.30
N ARG B 288 -1.33 29.47 4.26
CA ARG B 288 -2.22 28.34 4.47
C ARG B 288 -1.51 27.21 5.22
N LEU B 289 -0.21 27.03 4.97
CA LEU B 289 0.53 26.00 5.66
C LEU B 289 0.91 26.42 7.08
N LEU B 290 1.03 27.72 7.34
CA LEU B 290 1.28 28.16 8.70
C LEU B 290 0.04 28.05 9.57
N ARG B 291 -1.15 28.11 8.96
CA ARG B 291 -2.38 27.89 9.71
C ARG B 291 -2.52 26.44 10.13
N ILE B 292 -1.98 25.51 9.34
CA ILE B 292 -2.06 24.10 9.68
C ILE B 292 -0.96 23.71 10.65
N GLN B 293 0.25 24.26 10.45
CA GLN B 293 1.34 24.00 11.39
C GLN B 293 0.99 24.48 12.79
N ASP B 294 0.26 25.59 12.89
CA ASP B 294 -0.16 26.08 14.21
C ASP B 294 -1.13 25.12 14.88
N ILE B 295 -1.96 24.46 14.10
CA ILE B 295 -2.93 23.49 14.62
C ILE B 295 -2.30 22.11 14.79
N HIS B 296 -1.64 21.60 13.77
CA HIS B 296 -1.06 20.25 13.79
C HIS B 296 0.38 20.33 13.28
N PRO B 297 1.38 20.12 14.14
CA PRO B 297 2.78 20.18 13.68
C PRO B 297 3.12 19.09 12.69
N PHE B 298 3.35 19.47 11.43
CA PHE B 298 3.71 18.53 10.38
C PHE B 298 4.99 18.91 9.64
N ALA B 299 5.57 20.07 9.92
CA ALA B 299 6.70 20.56 9.15
C ALA B 299 7.99 19.84 9.49
N THR B 300 8.81 19.60 8.47
CA THR B 300 10.12 19.02 8.67
C THR B 300 11.07 20.04 9.29
N PRO B 301 12.19 19.59 9.86
CA PRO B 301 13.15 20.56 10.42
C PRO B 301 13.63 21.59 9.40
N LEU B 302 13.83 21.20 8.15
CA LEU B 302 14.25 22.16 7.14
C LEU B 302 13.11 23.09 6.73
N MET B 303 11.87 22.60 6.77
CA MET B 303 10.73 23.46 6.44
C MET B 303 10.48 24.50 7.51
N GLN B 304 10.77 24.19 8.77
CA GLN B 304 10.58 25.17 9.83
C GLN B 304 11.51 26.37 9.66
N GLU B 305 12.72 26.13 9.15
CA GLU B 305 13.64 27.24 8.88
C GLU B 305 13.12 28.13 7.77
N LEU B 306 12.53 27.53 6.73
CA LEU B 306 11.98 28.33 5.64
C LEU B 306 10.77 29.13 6.09
N PHE B 307 9.89 28.52 6.87
CA PHE B 307 8.67 29.18 7.34
C PHE B 307 8.94 30.24 8.40
N GLY B 308 10.15 30.29 8.96
CA GLY B 308 10.43 31.24 10.02
C GLY B 308 9.91 30.83 11.38
N ILE B 309 9.88 29.53 11.68
CA ILE B 309 9.36 29.04 12.95
C ILE B 309 10.48 28.84 13.95
N SER B 323 22.90 36.91 12.42
CA SER B 323 21.81 36.19 13.08
C SER B 323 20.99 35.41 12.06
N LEU B 324 21.14 35.76 10.79
CA LEU B 324 20.44 35.03 9.74
C LEU B 324 20.92 33.59 9.63
N THR B 325 22.24 33.39 9.63
CA THR B 325 22.77 32.04 9.54
C THR B 325 22.58 31.25 10.82
N GLU B 326 22.30 31.92 11.94
CA GLU B 326 22.06 31.22 13.19
C GLU B 326 20.64 30.68 13.32
N ARG B 327 19.70 31.23 12.54
CA ARG B 327 18.32 30.75 12.53
C ARG B 327 18.04 29.78 11.39
N HIS B 328 19.03 29.49 10.55
CA HIS B 328 18.90 28.52 9.47
C HIS B 328 20.16 27.66 9.43
N LYS B 329 20.40 26.92 10.51
CA LYS B 329 21.63 26.14 10.64
C LYS B 329 21.69 25.00 9.62
N ILE B 330 20.54 24.45 9.24
CA ILE B 330 20.52 23.40 8.22
C ILE B 330 20.81 23.99 6.84
N LEU B 331 20.14 25.10 6.52
CA LEU B 331 20.40 25.80 5.27
C LEU B 331 21.84 26.30 5.19
N HIS B 332 22.39 26.76 6.33
CA HIS B 332 23.76 27.24 6.35
C HIS B 332 24.75 26.09 6.12
N ARG B 333 24.49 24.92 6.71
CA ARG B 333 25.38 23.79 6.51
C ARG B 333 25.29 23.24 5.10
N LEU B 334 24.08 23.19 4.54
CA LEU B 334 23.91 22.65 3.19
C LEU B 334 24.56 23.56 2.14
N LEU B 335 24.62 24.86 2.40
CA LEU B 335 25.27 25.78 1.47
C LEU B 335 26.78 25.71 1.52
N GLN B 336 27.36 25.06 2.52
CA GLN B 336 28.81 24.94 2.65
C GLN B 336 29.34 23.58 2.23
N GLU B 337 28.48 22.57 2.12
CA GLU B 337 28.94 21.24 1.76
C GLU B 337 29.29 21.19 0.28
N GLY B 338 30.04 20.15 -0.09
CA GLY B 338 30.51 20.00 -1.46
C GLY B 338 29.37 19.63 -2.39
N SER B 339 29.17 20.42 -3.43
CA SER B 339 28.12 20.15 -4.41
C SER B 339 28.62 19.24 -5.53
#